data_6SK1
#
_entry.id   6SK1
#
_cell.length_a   68.282
_cell.length_b   68.282
_cell.length_c   79.805
_cell.angle_alpha   90.000
_cell.angle_beta   90.000
_cell.angle_gamma   90.000
#
_symmetry.space_group_name_H-M   'P 43 21 2'
#
loop_
_entity.id
_entity.type
_entity.pdbx_description
1 polymer 'L-2,4-diaminobutyric acid acetyltransferase'
2 non-polymer 'COENZYME A'
3 non-polymer 'ACETATE ION'
4 water water
#
_entity_poly.entity_id   1
_entity_poly.type   'polypeptide(L)'
_entity_poly.pdbx_seq_one_letter_code
;WSHPQFEKSGMAVDTGTEVVYRRPEARDGTRVWELIRDTGSLDLNSPYCYMLLGDYFNDTCMIAEHEGDIVGFISAFRSP
RNPETLFVWQVAVASSHRRQGIAKAMLTGLMNQKACHGVRFIETTVSPSNMASRRLFLGYAEEKSIPSTVTVGYGAEMFP
DGTTHEDEPLFVIGPFFNDIGSAWSH
;
_entity_poly.pdbx_strand_id   A
#
loop_
_chem_comp.id
_chem_comp.type
_chem_comp.name
_chem_comp.formula
ACT non-polymer 'ACETATE ION' 'C2 H3 O2 -1'
COA non-polymer 'COENZYME A' 'C21 H36 N7 O16 P3 S'
#
# COMPACT_ATOMS: atom_id res chain seq x y z
N GLU A 18 -16.50 -13.58 2.01
CA GLU A 18 -15.58 -14.59 1.41
C GLU A 18 -14.06 -14.14 1.36
N VAL A 19 -13.71 -12.90 1.03
CA VAL A 19 -12.27 -12.49 1.25
C VAL A 19 -12.09 -12.12 2.71
N VAL A 20 -11.00 -12.63 3.29
CA VAL A 20 -10.66 -12.36 4.67
C VAL A 20 -9.47 -11.40 4.76
N TYR A 21 -9.49 -10.48 5.65
CA TYR A 21 -8.51 -9.41 5.84
C TYR A 21 -7.79 -9.66 7.17
N ARG A 22 -6.52 -9.92 7.11
CA ARG A 22 -5.80 -10.21 8.33
C ARG A 22 -4.42 -9.57 8.30
N ARG A 23 -3.71 -9.61 9.40
CA ARG A 23 -2.32 -9.14 9.42
C ARG A 23 -1.44 -10.17 8.78
N PRO A 24 -0.42 -9.70 8.04
CA PRO A 24 0.62 -10.65 7.65
C PRO A 24 1.48 -11.04 8.86
N GLU A 25 2.12 -12.19 8.75
CA GLU A 25 3.08 -12.74 9.70
C GLU A 25 4.36 -13.04 8.94
N ALA A 26 5.43 -13.29 9.65
CA ALA A 26 6.67 -13.60 8.96
C ALA A 26 6.53 -14.80 8.09
N ARG A 27 5.76 -15.82 8.54
CA ARG A 27 5.49 -17.01 7.76
CA ARG A 27 5.54 -17.02 7.76
C ARG A 27 4.82 -16.77 6.40
N ASP A 28 4.22 -15.60 6.25
CA ASP A 28 3.61 -15.18 5.01
C ASP A 28 4.58 -14.53 4.01
N GLY A 29 5.79 -14.32 4.45
CA GLY A 29 6.68 -13.53 3.58
C GLY A 29 6.88 -14.08 2.18
N THR A 30 7.09 -15.38 2.08
CA THR A 30 7.23 -16.00 0.77
C THR A 30 5.96 -15.83 -0.11
N ARG A 31 4.77 -16.03 0.45
CA ARG A 31 3.58 -15.94 -0.37
C ARG A 31 3.30 -14.50 -0.73
N VAL A 32 3.63 -13.54 0.17
CA VAL A 32 3.50 -12.13 -0.22
C VAL A 32 4.52 -11.80 -1.32
N TRP A 33 5.76 -12.22 -1.19
CA TRP A 33 6.77 -12.00 -2.19
C TRP A 33 6.26 -12.55 -3.56
N GLU A 34 5.75 -13.78 -3.53
CA GLU A 34 5.23 -14.39 -4.78
C GLU A 34 4.10 -13.63 -5.32
N LEU A 35 3.15 -13.11 -4.54
CA LEU A 35 2.10 -12.24 -4.99
C LEU A 35 2.65 -11.04 -5.70
N ILE A 36 3.61 -10.33 -5.10
CA ILE A 36 4.15 -9.12 -5.68
CA ILE A 36 4.08 -9.11 -5.73
C ILE A 36 4.95 -9.49 -6.91
N ARG A 37 5.72 -10.56 -6.85
CA ARG A 37 6.51 -11.05 -8.03
C ARG A 37 5.57 -11.24 -9.23
N ASP A 38 4.42 -11.80 -8.95
CA ASP A 38 3.50 -12.22 -10.06
C ASP A 38 2.80 -11.07 -10.61
N THR A 39 2.73 -9.88 -9.98
CA THR A 39 2.22 -8.66 -10.56
C THR A 39 3.18 -8.15 -11.66
N GLY A 40 4.46 -8.53 -11.62
CA GLY A 40 5.44 -7.91 -12.53
C GLY A 40 5.98 -6.60 -11.99
N SER A 41 5.62 -6.17 -10.79
CA SER A 41 6.10 -4.91 -10.25
C SER A 41 7.62 -4.79 -10.31
N LEU A 42 8.08 -3.60 -10.68
CA LEU A 42 9.45 -3.26 -10.64
C LEU A 42 9.94 -3.03 -9.24
N ASP A 43 9.01 -2.91 -8.28
CA ASP A 43 9.36 -2.49 -6.91
C ASP A 43 9.38 -3.68 -5.96
N LEU A 44 9.57 -4.88 -6.47
CA LEU A 44 9.64 -6.12 -5.64
C LEU A 44 10.85 -6.00 -4.71
N ASN A 45 10.61 -6.27 -3.44
CA ASN A 45 11.67 -6.36 -2.46
C ASN A 45 12.05 -7.81 -2.21
N SER A 46 13.04 -7.99 -1.34
CA SER A 46 13.48 -9.34 -1.03
C SER A 46 12.40 -10.09 -0.25
N PRO A 47 12.41 -11.43 -0.31
CA PRO A 47 11.63 -12.20 0.62
C PRO A 47 11.83 -11.86 2.04
N TYR A 48 13.10 -11.71 2.43
CA TYR A 48 13.45 -11.31 3.79
C TYR A 48 12.73 -10.05 4.24
N CYS A 49 12.69 -9.03 3.36
CA CYS A 49 11.93 -7.85 3.70
C CYS A 49 10.51 -8.15 4.12
N TYR A 50 9.81 -8.96 3.32
CA TYR A 50 8.44 -9.21 3.64
C TYR A 50 8.27 -10.04 4.93
N MET A 51 9.22 -10.87 5.24
CA MET A 51 9.28 -11.56 6.52
C MET A 51 9.36 -10.61 7.69
N LEU A 52 10.24 -9.62 7.56
CA LEU A 52 10.41 -8.62 8.58
C LEU A 52 9.18 -7.78 8.76
N LEU A 53 8.50 -7.47 7.68
CA LEU A 53 7.25 -6.72 7.82
C LEU A 53 6.27 -7.46 8.64
N GLY A 54 6.18 -8.75 8.45
CA GLY A 54 5.25 -9.58 9.18
C GLY A 54 5.59 -9.65 10.62
N ASP A 55 6.84 -9.57 11.05
CA ASP A 55 7.16 -9.62 12.45
C ASP A 55 7.22 -8.28 13.11
N TYR A 56 7.53 -7.21 12.40
CA TYR A 56 7.79 -5.90 13.04
C TYR A 56 6.87 -4.76 12.60
N PHE A 57 6.23 -4.87 11.45
CA PHE A 57 5.38 -3.82 10.96
C PHE A 57 3.94 -4.27 10.79
N ASN A 58 3.55 -5.36 11.42
CA ASN A 58 2.27 -5.91 10.91
C ASN A 58 1.09 -5.11 11.45
N ASP A 59 1.26 -4.17 12.38
CA ASP A 59 0.18 -3.35 12.83
C ASP A 59 -0.24 -2.33 11.77
N THR A 60 0.63 -2.12 10.78
CA THR A 60 0.41 -1.20 9.68
C THR A 60 0.44 -1.89 8.35
N CYS A 61 0.17 -3.20 8.30
CA CYS A 61 0.04 -3.95 7.07
C CYS A 61 -1.24 -4.76 7.09
N MET A 62 -1.66 -5.26 5.93
CA MET A 62 -2.83 -6.14 5.83
C MET A 62 -2.68 -7.08 4.68
N ILE A 63 -3.17 -8.26 4.78
CA ILE A 63 -3.30 -9.32 3.72
CA ILE A 63 -3.32 -9.10 3.58
C ILE A 63 -4.78 -9.50 3.44
N ALA A 64 -5.09 -9.74 2.18
CA ALA A 64 -6.39 -10.28 1.77
C ALA A 64 -6.17 -11.67 1.29
N GLU A 65 -7.00 -12.59 1.81
CA GLU A 65 -6.90 -13.98 1.44
C GLU A 65 -8.29 -14.53 0.97
N HIS A 66 -8.25 -15.38 -0.04
CA HIS A 66 -9.50 -15.94 -0.58
C HIS A 66 -9.24 -17.40 -0.71
N GLU A 67 -10.08 -18.15 0.01
CA GLU A 67 -10.03 -19.64 0.03
C GLU A 67 -8.57 -20.09 0.23
N GLY A 68 -7.93 -19.55 1.26
CA GLY A 68 -6.55 -19.88 1.58
C GLY A 68 -5.41 -19.20 0.79
N ASP A 69 -5.68 -18.58 -0.41
CA ASP A 69 -4.67 -17.96 -1.28
C ASP A 69 -4.57 -16.48 -0.91
N ILE A 70 -3.35 -15.98 -0.82
CA ILE A 70 -3.14 -14.53 -0.62
C ILE A 70 -3.46 -13.89 -1.93
N VAL A 71 -4.38 -12.98 -1.97
CA VAL A 71 -4.82 -12.25 -3.15
C VAL A 71 -4.57 -10.76 -3.07
N GLY A 72 -4.17 -10.26 -1.87
CA GLY A 72 -3.88 -8.86 -1.74
C GLY A 72 -2.92 -8.60 -0.60
N PHE A 73 -2.19 -7.50 -0.72
CA PHE A 73 -1.29 -7.04 0.33
C PHE A 73 -1.14 -5.54 0.33
N ILE A 74 -1.03 -4.94 1.51
CA ILE A 74 -0.74 -3.52 1.69
C ILE A 74 0.28 -3.41 2.78
N SER A 75 1.33 -2.61 2.54
CA SER A 75 2.35 -2.35 3.55
C SER A 75 2.46 -0.85 3.75
N ALA A 76 2.58 -0.48 5.02
CA ALA A 76 2.72 0.90 5.44
C ALA A 76 3.56 0.98 6.66
N PHE A 77 4.04 2.17 6.94
CA PHE A 77 4.72 2.45 8.23
C PHE A 77 4.28 3.82 8.70
N ARG A 78 4.31 3.97 10.02
CA ARG A 78 4.18 5.32 10.58
C ARG A 78 5.56 5.98 10.51
N SER A 79 5.65 7.17 9.95
CA SER A 79 6.92 7.79 9.77
C SER A 79 7.63 7.98 11.08
N PRO A 80 8.88 7.52 11.22
CA PRO A 80 9.58 7.67 12.52
C PRO A 80 9.59 9.13 13.00
N ARG A 81 9.91 10.07 12.15
CA ARG A 81 10.01 11.46 12.60
C ARG A 81 8.62 12.04 12.86
N ASN A 82 7.60 11.60 12.17
CA ASN A 82 6.28 12.23 12.17
C ASN A 82 5.21 11.12 12.23
N PRO A 83 5.01 10.54 13.41
CA PRO A 83 4.15 9.35 13.45
C PRO A 83 2.68 9.59 13.13
N GLU A 84 2.24 10.79 12.99
CA GLU A 84 0.90 11.02 12.49
C GLU A 84 0.79 10.83 10.96
N THR A 85 1.90 10.58 10.27
CA THR A 85 1.93 10.26 8.88
C THR A 85 2.04 8.75 8.73
N LEU A 86 1.09 8.19 8.00
CA LEU A 86 1.14 6.76 7.58
C LEU A 86 1.60 6.77 6.14
N PHE A 87 2.78 6.22 5.85
CA PHE A 87 3.25 6.13 4.49
C PHE A 87 2.91 4.76 3.96
N VAL A 88 2.09 4.67 2.92
CA VAL A 88 1.73 3.40 2.28
C VAL A 88 2.70 3.17 1.15
N TRP A 89 3.54 2.13 1.27
CA TRP A 89 4.59 1.99 0.26
C TRP A 89 4.37 0.89 -0.73
N GLN A 90 3.50 -0.07 -0.44
CA GLN A 90 3.18 -1.07 -1.44
C GLN A 90 1.75 -1.48 -1.32
N VAL A 91 1.01 -1.65 -2.44
CA VAL A 91 -0.34 -2.22 -2.46
C VAL A 91 -0.34 -3.11 -3.66
N ALA A 92 -0.86 -4.31 -3.55
CA ALA A 92 -0.89 -5.31 -4.66
C ALA A 92 -2.12 -6.15 -4.51
N VAL A 93 -2.85 -6.37 -5.63
CA VAL A 93 -3.91 -7.36 -5.68
C VAL A 93 -3.66 -8.25 -6.88
N ALA A 94 -3.80 -9.52 -6.72
CA ALA A 94 -3.62 -10.42 -7.85
C ALA A 94 -4.55 -10.10 -9.00
N SER A 95 -3.97 -10.10 -10.21
CA SER A 95 -4.75 -9.70 -11.37
CA SER A 95 -4.77 -9.71 -11.38
C SER A 95 -6.15 -10.33 -11.47
N SER A 96 -6.25 -11.63 -11.20
CA SER A 96 -7.54 -12.30 -11.27
C SER A 96 -8.58 -11.83 -10.30
N HIS A 97 -8.15 -11.04 -9.29
CA HIS A 97 -9.00 -10.55 -8.30
C HIS A 97 -9.12 -9.02 -8.24
N ARG A 98 -8.64 -8.34 -9.25
CA ARG A 98 -8.72 -6.90 -9.33
C ARG A 98 -10.05 -6.34 -9.64
N ARG A 99 -10.30 -5.14 -9.27
CA ARG A 99 -11.53 -4.46 -9.55
C ARG A 99 -12.71 -5.10 -8.95
N GLN A 100 -12.53 -5.58 -7.74
CA GLN A 100 -13.55 -6.22 -6.88
C GLN A 100 -13.59 -5.51 -5.55
N GLY A 101 -12.87 -4.41 -5.34
CA GLY A 101 -12.88 -3.69 -4.06
C GLY A 101 -11.90 -4.22 -3.04
N ILE A 102 -11.01 -5.13 -3.37
CA ILE A 102 -10.11 -5.70 -2.38
C ILE A 102 -9.12 -4.67 -1.88
N ALA A 103 -8.47 -3.91 -2.76
CA ALA A 103 -7.55 -2.88 -2.24
C ALA A 103 -8.25 -1.88 -1.42
N LYS A 104 -9.43 -1.41 -1.80
CA LYS A 104 -10.20 -0.47 -1.04
C LYS A 104 -10.48 -1.05 0.35
N ALA A 105 -10.86 -2.31 0.42
CA ALA A 105 -11.13 -2.92 1.73
C ALA A 105 -9.86 -3.03 2.54
N MET A 106 -8.74 -3.35 1.93
CA MET A 106 -7.47 -3.40 2.70
C MET A 106 -7.14 -2.04 3.27
N LEU A 107 -7.20 -0.98 2.46
CA LEU A 107 -6.88 0.35 2.89
C LEU A 107 -7.87 0.83 4.00
N THR A 108 -9.15 0.68 3.73
CA THR A 108 -10.18 1.11 4.68
C THR A 108 -10.02 0.34 5.99
N GLY A 109 -9.78 -0.94 5.89
CA GLY A 109 -9.59 -1.76 7.10
C GLY A 109 -8.37 -1.36 7.82
N LEU A 110 -7.28 -1.08 7.17
CA LEU A 110 -6.07 -0.69 7.84
C LEU A 110 -6.28 0.55 8.68
N MET A 111 -6.96 1.56 8.10
CA MET A 111 -7.19 2.78 8.77
CA MET A 111 -7.18 2.81 8.76
C MET A 111 -8.18 2.72 9.91
N ASN A 112 -9.00 1.69 9.91
CA ASN A 112 -10.04 1.54 10.95
C ASN A 112 -9.51 0.87 12.19
N GLN A 113 -8.26 0.39 12.21
CA GLN A 113 -7.76 -0.29 13.36
C GLN A 113 -7.14 0.65 14.35
N LYS A 114 -7.16 0.20 15.60
CA LYS A 114 -6.54 0.98 16.68
C LYS A 114 -5.11 1.34 16.45
N ALA A 115 -4.37 0.50 15.73
CA ALA A 115 -2.98 0.80 15.34
C ALA A 115 -2.82 2.02 14.52
N CYS A 116 -3.89 2.48 13.84
CA CYS A 116 -3.88 3.71 13.07
C CYS A 116 -4.61 4.86 13.66
N HIS A 117 -4.92 4.70 14.94
CA HIS A 117 -5.49 5.82 15.67
C HIS A 117 -4.44 6.89 15.70
N GLY A 118 -4.88 8.08 15.40
CA GLY A 118 -3.94 9.17 15.50
C GLY A 118 -3.26 9.50 14.15
N VAL A 119 -3.44 8.67 13.15
CA VAL A 119 -2.93 8.99 11.82
C VAL A 119 -3.72 10.17 11.30
N ARG A 120 -3.02 11.22 10.90
CA ARG A 120 -3.68 12.37 10.32
CA ARG A 120 -3.61 12.39 10.35
C ARG A 120 -3.45 12.56 8.86
N PHE A 121 -2.39 11.95 8.31
CA PHE A 121 -2.10 12.01 6.88
C PHE A 121 -1.80 10.62 6.36
N ILE A 122 -2.24 10.35 5.16
CA ILE A 122 -1.77 9.15 4.41
C ILE A 122 -0.91 9.73 3.33
N GLU A 123 0.26 9.16 3.11
CA GLU A 123 1.20 9.58 2.04
C GLU A 123 1.59 8.31 1.27
N THR A 124 1.71 8.48 -0.04
CA THR A 124 2.07 7.37 -0.90
C THR A 124 2.63 7.92 -2.17
N THR A 125 3.19 7.13 -3.02
CA THR A 125 3.56 7.59 -4.39
C THR A 125 2.75 6.84 -5.36
N VAL A 126 2.40 7.45 -6.49
CA VAL A 126 1.62 6.80 -7.56
C VAL A 126 2.06 7.29 -8.91
N SER A 127 2.45 6.38 -9.76
CA SER A 127 2.91 6.76 -11.09
C SER A 127 1.76 7.41 -11.90
N PRO A 128 2.10 8.27 -12.86
CA PRO A 128 0.99 8.90 -13.64
C PRO A 128 0.14 7.91 -14.40
N SER A 129 0.63 6.80 -14.85
CA SER A 129 -0.16 5.85 -15.58
C SER A 129 -0.94 4.87 -14.72
N ASN A 130 -0.73 4.91 -13.41
CA ASN A 130 -1.36 3.92 -12.53
C ASN A 130 -2.67 4.44 -12.07
N MET A 131 -3.65 4.41 -12.95
CA MET A 131 -5.00 4.90 -12.64
CA MET A 131 -5.00 4.91 -12.63
C MET A 131 -5.65 4.11 -11.47
N ALA A 132 -5.43 2.84 -11.49
CA ALA A 132 -6.03 1.96 -10.44
C ALA A 132 -5.59 2.45 -9.05
N SER A 133 -4.29 2.70 -8.90
CA SER A 133 -3.81 3.14 -7.60
C SER A 133 -4.24 4.53 -7.29
N ARG A 134 -4.21 5.44 -8.29
CA ARG A 134 -4.71 6.76 -8.09
C ARG A 134 -6.14 6.81 -7.63
N ARG A 135 -6.98 5.98 -8.25
CA ARG A 135 -8.36 5.93 -7.81
C ARG A 135 -8.56 5.26 -6.46
N LEU A 136 -7.74 4.30 -6.15
CA LEU A 136 -7.74 3.74 -4.77
C LEU A 136 -7.58 4.83 -3.78
N PHE A 137 -6.49 5.62 -3.87
CA PHE A 137 -6.26 6.59 -2.89
C PHE A 137 -7.17 7.83 -2.94
N LEU A 138 -7.32 8.35 -4.15
CA LEU A 138 -8.22 9.49 -4.26
C LEU A 138 -9.68 9.16 -4.00
N GLY A 139 -10.10 7.94 -4.34
CA GLY A 139 -11.45 7.53 -4.00
C GLY A 139 -11.62 7.41 -2.53
N TYR A 140 -10.60 6.95 -1.81
CA TYR A 140 -10.71 6.89 -0.35
C TYR A 140 -10.81 8.27 0.20
N ALA A 141 -9.97 9.21 -0.25
CA ALA A 141 -10.04 10.63 0.18
C ALA A 141 -11.45 11.21 -0.12
N GLU A 142 -11.97 10.91 -1.30
CA GLU A 142 -13.32 11.50 -1.72
C GLU A 142 -14.38 10.96 -0.83
N GLU A 143 -14.32 9.70 -0.44
CA GLU A 143 -15.32 9.04 0.39
C GLU A 143 -15.43 9.73 1.71
N LYS A 144 -14.31 10.17 2.23
CA LYS A 144 -14.21 10.77 3.51
C LYS A 144 -14.19 12.32 3.43
N SER A 145 -14.33 12.97 2.27
CA SER A 145 -14.17 14.37 2.01
C SER A 145 -12.85 14.97 2.57
N ILE A 146 -11.76 14.28 2.28
CA ILE A 146 -10.44 14.65 2.81
C ILE A 146 -9.64 15.24 1.67
N PRO A 147 -8.96 16.35 1.92
CA PRO A 147 -8.21 16.95 0.86
C PRO A 147 -7.03 16.10 0.43
N SER A 148 -6.57 16.29 -0.78
CA SER A 148 -5.38 15.62 -1.32
C SER A 148 -4.55 16.59 -2.09
N THR A 149 -3.24 16.47 -2.06
CA THR A 149 -2.34 17.25 -2.88
CA THR A 149 -2.34 17.24 -2.91
C THR A 149 -1.28 16.33 -3.45
N VAL A 150 -0.64 16.75 -4.54
CA VAL A 150 0.41 16.01 -5.20
C VAL A 150 1.64 16.81 -5.26
N THR A 151 2.78 16.26 -4.91
CA THR A 151 4.00 16.98 -4.97
C THR A 151 5.00 16.13 -5.69
N VAL A 152 6.20 16.66 -5.71
CA VAL A 152 7.30 15.91 -6.15
C VAL A 152 7.54 14.84 -5.04
N GLY A 153 7.73 13.74 -5.71
CA GLY A 153 8.15 12.53 -5.14
C GLY A 153 9.47 12.11 -5.72
N TYR A 154 9.53 10.95 -6.37
CA TYR A 154 10.80 10.39 -6.86
C TYR A 154 10.69 10.32 -8.38
N GLY A 155 11.45 11.16 -9.06
CA GLY A 155 11.39 11.14 -10.52
C GLY A 155 12.05 9.95 -11.14
N ALA A 156 11.68 9.63 -12.38
CA ALA A 156 12.27 8.59 -13.12
C ALA A 156 13.80 8.55 -13.15
N GLU A 157 14.37 9.76 -13.17
CA GLU A 157 15.81 9.91 -13.32
C GLU A 157 16.53 9.49 -12.07
N MET A 158 15.87 9.31 -10.93
CA MET A 158 16.50 8.90 -9.69
C MET A 158 16.86 7.43 -9.69
N PHE A 159 16.27 6.63 -10.55
CA PHE A 159 16.33 5.17 -10.54
C PHE A 159 17.57 4.65 -11.30
N PRO A 160 17.96 3.44 -11.08
CA PRO A 160 19.20 2.97 -11.66
C PRO A 160 19.11 2.96 -13.17
N ASP A 161 20.27 3.25 -13.78
CA ASP A 161 20.33 3.15 -15.25
C ASP A 161 20.25 1.58 -15.45
N GLY A 162 19.61 1.30 -16.50
CA GLY A 162 19.42 -0.04 -16.86
C GLY A 162 17.98 -0.53 -16.70
N THR A 163 17.24 0.08 -15.79
CA THR A 163 15.89 -0.32 -15.50
C THR A 163 15.03 0.88 -15.43
N THR A 164 14.33 1.17 -16.54
CA THR A 164 13.46 2.29 -16.65
C THR A 164 12.34 2.24 -15.64
N HIS A 165 12.14 3.30 -14.88
CA HIS A 165 11.05 3.36 -13.93
C HIS A 165 10.27 4.62 -14.18
N GLU A 166 8.95 4.54 -13.90
CA GLU A 166 8.15 5.74 -13.96
C GLU A 166 8.39 6.71 -12.83
N ASP A 167 8.06 7.98 -13.06
CA ASP A 167 8.00 8.94 -12.02
C ASP A 167 7.01 8.43 -10.95
N GLU A 168 7.34 8.81 -9.70
CA GLU A 168 6.60 8.46 -8.50
CA GLU A 168 6.49 8.46 -8.54
C GLU A 168 6.20 9.73 -7.72
N PRO A 169 5.27 10.54 -8.21
CA PRO A 169 4.85 11.69 -7.43
C PRO A 169 4.24 11.32 -6.11
N LEU A 170 4.39 12.20 -5.12
CA LEU A 170 3.88 12.00 -3.78
C LEU A 170 2.50 12.52 -3.62
N PHE A 171 1.62 11.68 -3.22
CA PHE A 171 0.24 12.00 -2.80
C PHE A 171 0.17 12.19 -1.33
N VAL A 172 -0.38 13.30 -0.90
CA VAL A 172 -0.53 13.66 0.55
C VAL A 172 -1.98 13.80 0.79
N ILE A 173 -2.59 12.90 1.51
CA ILE A 173 -3.97 12.88 1.82
C ILE A 173 -4.23 13.23 3.27
N GLY A 174 -4.96 14.34 3.55
CA GLY A 174 -5.22 14.75 4.89
C GLY A 174 -5.37 16.26 4.98
N PRO A 175 -5.59 16.76 6.17
CA PRO A 175 -5.68 16.05 7.40
C PRO A 175 -6.96 15.25 7.62
N PHE A 176 -6.84 14.07 8.24
N PHE A 176 -6.88 14.18 8.43
CA PHE A 176 -7.97 13.29 8.68
CA PHE A 176 -8.03 13.32 8.73
C PHE A 176 -7.88 13.63 10.20
C PHE A 176 -8.73 13.80 10.00
N PHE A 177 -8.25 14.85 10.63
CA PHE A 177 -8.86 15.27 11.95
C PHE A 177 -8.04 16.46 12.50
N1A COA B . -9.08 1.53 -13.92
C2A COA B . -9.78 2.47 -13.37
N3A COA B . -10.22 2.51 -12.11
C4A COA B . -9.79 1.44 -11.39
C5A COA B . -9.03 0.39 -11.88
C6A COA B . -8.61 0.43 -13.26
N6A COA B . -7.89 -0.52 -13.81
N7A COA B . -8.76 -0.53 -10.88
C8A COA B . -9.39 0.02 -9.87
N9A COA B . -10.00 1.15 -10.09
C1B COA B . -10.68 1.97 -9.14
C2B COA B . -11.92 1.42 -8.51
O2B COA B . -13.06 1.75 -9.38
C3B COA B . -12.00 2.00 -7.13
O3B COA B . -12.44 3.38 -7.23
P3B COA B . -13.45 4.06 -6.15
O7A COA B . -12.66 4.11 -4.89
O8A COA B . -13.77 5.45 -6.86
O9A COA B . -14.62 3.14 -6.12
C4B COA B . -10.52 2.07 -6.77
O4B COA B . -9.81 2.12 -7.99
C5B COA B . -10.00 0.88 -6.02
O5B COA B . -10.49 -0.35 -6.59
P1A COA B . -10.21 -1.76 -6.02
O1A COA B . -11.07 -2.74 -6.76
O2A COA B . -10.29 -1.73 -4.52
O3A COA B . -8.70 -2.00 -6.45
P2A COA B . -7.97 -3.38 -6.68
O4A COA B . -8.38 -4.35 -5.60
O5A COA B . -8.14 -3.83 -8.11
O6A COA B . -6.43 -3.00 -6.45
CBP COA B . -4.35 -2.09 -7.16
CCP COA B . -5.81 -1.82 -6.99
CDP COA B . -3.72 -0.75 -7.47
CEP COA B . -3.79 -2.58 -5.84
CAP COA B . -4.08 -3.12 -8.27
OAP COA B . -4.50 -2.52 -9.55
C9P COA B . -2.68 -3.55 -8.36
O9P COA B . -2.28 -4.47 -7.65
N8P COA B . -1.92 -2.93 -9.21
C7P COA B . -0.53 -3.44 -9.49
C6P COA B . 0.33 -3.08 -8.31
C5P COA B . 0.36 -1.59 -8.08
O5P COA B . 0.51 -0.89 -9.01
N4P COA B . 0.22 -1.07 -6.82
C3P COA B . 0.26 0.22 -6.43
C2P COA B . 1.74 0.63 -6.37
S1P COA B . 2.64 -0.14 -4.89
C ACT C . 10.86 0.41 4.44
O ACT C . 10.27 -0.08 5.54
OXT ACT C . 10.54 1.30 3.49
CH3 ACT C . 12.15 -0.18 4.15
#